data_4FFL
#
_entry.id   4FFL
#
_cell.length_a   61.190
_cell.length_b   61.190
_cell.length_c   171.830
_cell.angle_alpha   90.00
_cell.angle_beta   90.00
_cell.angle_gamma   90.00
#
_symmetry.space_group_name_H-M   'P 43 21 2'
#
loop_
_entity.id
_entity.type
_entity.pdbx_description
1 polymer PylC
2 non-polymer LYSINE
3 non-polymer "ADENOSINE-5'-DIPHOSPHATE"
4 non-polymer 'PHOSPHATE ION'
5 non-polymer 'MAGNESIUM ION'
6 non-polymer 'CARBONATE ION'
7 non-polymer "ADENOSINE-5'-TRIPHOSPHATE"
8 water water
#
_entity_poly.entity_id   1
_entity_poly.type   'polypeptide(L)'
_entity_poly.pdbx_seq_one_letter_code
;MKTICLVGGKLQGFEAAYLSKKAGMKVVLVDKNPQALIRNYADEFYCFDVIKEPEKLLELSKRVDAVLPVNENLACIEFL
NSIKEKFSCPVLFDFEAYRISRDKKKSKDYFKSIGVPTPQDRPSKPPYFVKPPCESSSVGARIIYDDKDLEGLEPDTLVE
EYVEGEVVSLEVVGDGSHFAVVKETLVHIDETYDCHMVTPLPANPLFRQISHDLAANLPLKGIMDVEAIFGPKGLRVIEI
DARFPSQTPTVVYYSSGINLIELLFRAFTDGVEEIRAIPENKYCIYEHLMFGENGVLIPVGEQVLSMGSDYGKFYEEPGI
EIFLCKGEYPVFTMVFWGKDREETGAKRCKGLSVLKERFGAVL
;
_entity_poly.pdbx_strand_id   A
#
# COMPACT_ATOMS: atom_id res chain seq x y z
N MET A 1 3.19 25.14 -7.18
CA MET A 1 3.72 23.81 -6.73
C MET A 1 3.50 23.61 -5.23
N LYS A 2 2.97 22.45 -4.88
CA LYS A 2 2.78 22.09 -3.48
C LYS A 2 3.90 21.18 -2.99
N THR A 3 4.04 21.10 -1.67
CA THR A 3 5.07 20.28 -1.04
C THR A 3 4.43 19.37 0.00
N ILE A 4 4.79 18.09 -0.06
CA ILE A 4 4.30 17.11 0.92
C ILE A 4 5.46 16.60 1.78
N CYS A 5 5.20 16.50 3.08
CA CYS A 5 6.16 15.91 4.01
C CYS A 5 5.73 14.50 4.37
N LEU A 6 6.59 13.53 4.07
CA LEU A 6 6.34 12.13 4.39
C LEU A 6 7.10 11.73 5.65
N VAL A 7 6.40 11.14 6.61
CA VAL A 7 7.07 10.58 7.79
C VAL A 7 7.15 9.07 7.60
N GLY A 8 8.32 8.61 7.13
CA GLY A 8 8.53 7.20 6.80
C GLY A 8 9.00 7.06 5.36
N GLY A 9 10.17 6.45 5.19
CA GLY A 9 10.79 6.33 3.87
C GLY A 9 11.04 4.91 3.39
N LYS A 10 10.09 4.02 3.67
CA LYS A 10 10.16 2.65 3.16
C LYS A 10 9.12 2.42 2.07
N LEU A 11 8.30 1.37 2.17
CA LEU A 11 7.42 0.99 1.07
C LEU A 11 6.21 1.91 0.90
N GLN A 12 5.55 2.25 2.00
CA GLN A 12 4.47 3.24 1.95
C GLN A 12 5.02 4.58 1.48
N GLY A 13 6.19 4.92 2.00
CA GLY A 13 6.87 6.16 1.65
C GLY A 13 7.15 6.24 0.16
N PHE A 14 7.65 5.16 -0.41
CA PHE A 14 7.91 5.12 -1.85
C PHE A 14 6.65 5.39 -2.66
N GLU A 15 5.57 4.69 -2.32
CA GLU A 15 4.31 4.83 -3.05
C GLU A 15 3.79 6.27 -2.99
N ALA A 16 3.81 6.85 -1.80
CA ALA A 16 3.37 8.23 -1.61
C ALA A 16 4.28 9.21 -2.38
N ALA A 17 5.59 8.98 -2.34
CA ALA A 17 6.54 9.84 -3.04
C ALA A 17 6.34 9.76 -4.55
N TYR A 18 6.17 8.54 -5.04
CA TYR A 18 5.93 8.27 -6.47
C TYR A 18 4.71 9.03 -7.00
N LEU A 19 3.58 8.90 -6.30
CA LEU A 19 2.34 9.56 -6.72
C LEU A 19 2.37 11.07 -6.51
N SER A 20 3.08 11.51 -5.48
CA SER A 20 3.27 12.96 -5.25
C SER A 20 4.04 13.59 -6.42
N LYS A 21 5.07 12.91 -6.90
CA LYS A 21 5.84 13.38 -8.06
C LYS A 21 4.99 13.43 -9.32
N LYS A 22 4.12 12.43 -9.50
CA LYS A 22 3.20 12.39 -10.64
C LYS A 22 2.23 13.59 -10.60
N ALA A 23 1.89 14.01 -9.38
CA ALA A 23 1.03 15.17 -9.15
C ALA A 23 1.80 16.50 -9.22
N GLY A 24 3.09 16.43 -9.48
CA GLY A 24 3.94 17.62 -9.59
C GLY A 24 4.28 18.26 -8.26
N MET A 25 4.26 17.46 -7.19
CA MET A 25 4.58 17.96 -5.85
C MET A 25 6.04 17.71 -5.49
N LYS A 26 6.60 18.60 -4.68
CA LYS A 26 7.90 18.37 -4.06
C LYS A 26 7.73 17.42 -2.89
N VAL A 27 8.67 16.49 -2.73
CA VAL A 27 8.60 15.49 -1.66
C VAL A 27 9.70 15.70 -0.64
N VAL A 28 9.29 16.03 0.58
CA VAL A 28 10.20 16.14 1.72
C VAL A 28 10.05 14.87 2.56
N LEU A 29 11.15 14.16 2.79
CA LEU A 29 11.11 12.95 3.60
C LEU A 29 11.73 13.16 4.97
N VAL A 30 11.01 12.69 5.99
CA VAL A 30 11.54 12.57 7.34
C VAL A 30 11.62 11.09 7.71
N ASP A 31 12.80 10.65 8.12
CA ASP A 31 12.99 9.27 8.57
C ASP A 31 14.16 9.22 9.56
N LYS A 32 14.02 8.40 10.59
CA LYS A 32 15.03 8.26 11.63
C LYS A 32 16.25 7.44 11.19
N ASN A 33 16.13 6.75 10.06
CA ASN A 33 17.19 5.89 9.53
C ASN A 33 18.02 6.62 8.48
N PRO A 34 19.34 6.82 8.73
CA PRO A 34 20.21 7.42 7.72
C PRO A 34 20.23 6.61 6.42
N GLN A 35 19.94 5.31 6.52
CA GLN A 35 19.88 4.43 5.36
C GLN A 35 18.44 4.21 4.87
N ALA A 36 17.55 5.15 5.18
CA ALA A 36 16.13 5.04 4.76
C ALA A 36 16.03 4.71 3.28
N LEU A 37 15.19 3.73 2.97
CA LEU A 37 15.09 3.18 1.62
C LEU A 37 14.99 4.21 0.48
N ILE A 38 14.10 5.19 0.63
CA ILE A 38 13.85 6.17 -0.44
C ILE A 38 14.50 7.54 -0.22
N ARG A 39 15.53 7.59 0.62
CA ARG A 39 16.21 8.84 0.95
C ARG A 39 16.69 9.63 -0.28
N ASN A 40 17.15 8.91 -1.30
CA ASN A 40 17.69 9.54 -2.53
C ASN A 40 16.62 9.83 -3.58
N TYR A 41 15.44 9.23 -3.38
CA TYR A 41 14.30 9.41 -4.28
C TYR A 41 13.52 10.68 -3.91
N ALA A 42 13.44 10.98 -2.62
CA ALA A 42 12.82 12.23 -2.15
C ALA A 42 13.61 13.45 -2.62
N ASP A 43 12.94 14.59 -2.66
CA ASP A 43 13.59 15.83 -3.08
C ASP A 43 14.47 16.42 -1.96
N GLU A 44 14.00 16.26 -0.72
CA GLU A 44 14.76 16.66 0.46
C GLU A 44 14.64 15.55 1.50
N PHE A 45 15.73 15.29 2.21
CA PHE A 45 15.75 14.27 3.26
C PHE A 45 16.25 14.85 4.58
N TYR A 46 15.41 14.73 5.60
CA TYR A 46 15.77 15.15 6.95
C TYR A 46 15.77 13.93 7.86
N CYS A 47 16.95 13.61 8.39
CA CYS A 47 17.10 12.41 9.20
C CYS A 47 17.01 12.74 10.68
N PHE A 48 15.83 12.49 11.24
CA PHE A 48 15.61 12.60 12.68
C PHE A 48 14.43 11.73 13.10
N ASP A 49 14.34 11.45 14.40
CA ASP A 49 13.23 10.70 14.96
C ASP A 49 12.19 11.71 15.44
N VAL A 50 10.99 11.64 14.89
CA VAL A 50 9.95 12.64 15.20
C VAL A 50 9.52 12.63 16.66
N ILE A 51 9.65 11.49 17.33
CA ILE A 51 9.32 11.36 18.75
C ILE A 51 10.39 12.06 19.61
N LYS A 52 11.65 11.95 19.18
CA LYS A 52 12.76 12.56 19.91
C LYS A 52 12.85 14.07 19.69
N GLU A 53 12.58 14.50 18.46
CA GLU A 53 12.72 15.91 18.09
C GLU A 53 11.45 16.43 17.39
N PRO A 54 10.31 16.46 18.10
CA PRO A 54 9.04 16.87 17.48
C PRO A 54 9.07 18.30 16.96
N GLU A 55 9.86 19.16 17.59
CA GLU A 55 9.97 20.55 17.19
C GLU A 55 10.48 20.72 15.76
N LYS A 56 11.32 19.79 15.31
CA LYS A 56 11.83 19.80 13.93
C LYS A 56 10.70 19.52 12.94
N LEU A 57 9.81 18.59 13.29
CA LEU A 57 8.67 18.26 12.42
C LEU A 57 7.64 19.38 12.42
N LEU A 58 7.38 19.95 13.59
CA LEU A 58 6.45 21.08 13.70
C LEU A 58 6.94 22.28 12.90
N GLU A 59 8.24 22.54 12.95
CA GLU A 59 8.84 23.60 12.13
C GLU A 59 8.68 23.32 10.64
N LEU A 60 8.89 22.07 10.24
CA LEU A 60 8.66 21.65 8.84
C LEU A 60 7.21 21.83 8.41
N SER A 61 6.27 21.63 9.33
CA SER A 61 4.83 21.75 9.01
C SER A 61 4.45 23.18 8.59
N LYS A 62 5.30 24.14 8.95
CA LYS A 62 5.10 25.54 8.59
C LYS A 62 5.49 25.85 7.14
N ARG A 63 6.28 24.96 6.52
CA ARG A 63 6.77 25.20 5.17
C ARG A 63 6.34 24.15 4.12
N VAL A 64 5.43 23.25 4.52
CA VAL A 64 4.86 22.26 3.61
C VAL A 64 3.33 22.39 3.60
N ASP A 65 2.69 21.76 2.63
CA ASP A 65 1.24 21.86 2.48
C ASP A 65 0.47 20.76 3.23
N ALA A 66 1.17 19.67 3.56
CA ALA A 66 0.57 18.56 4.29
C ALA A 66 1.66 17.65 4.86
N VAL A 67 1.33 16.97 5.95
CA VAL A 67 2.19 15.93 6.51
C VAL A 67 1.44 14.61 6.41
N LEU A 68 2.07 13.63 5.78
CA LEU A 68 1.49 12.31 5.62
C LEU A 68 2.32 11.27 6.38
N PRO A 69 1.76 10.69 7.45
CA PRO A 69 2.43 9.57 8.10
C PRO A 69 2.42 8.38 7.14
N VAL A 70 3.59 7.83 6.85
CA VAL A 70 3.68 6.64 6.00
C VAL A 70 4.60 5.63 6.69
N ASN A 71 4.17 5.23 7.88
CA ASN A 71 4.82 4.16 8.64
C ASN A 71 3.80 3.48 9.54
N GLU A 72 4.15 2.30 10.03
CA GLU A 72 3.28 1.55 10.92
C GLU A 72 3.94 1.31 12.28
N ASN A 73 4.77 2.27 12.70
CA ASN A 73 5.36 2.26 14.04
C ASN A 73 4.33 2.85 14.99
N LEU A 74 3.73 2.01 15.84
CA LEU A 74 2.67 2.47 16.74
C LEU A 74 3.12 3.59 17.68
N ALA A 75 4.37 3.53 18.13
CA ALA A 75 4.94 4.58 18.97
C ALA A 75 4.91 5.93 18.23
N CYS A 76 5.29 5.91 16.95
CA CYS A 76 5.26 7.11 16.12
C CYS A 76 3.84 7.62 15.92
N ILE A 77 2.94 6.73 15.53
CA ILE A 77 1.54 7.09 15.25
C ILE A 77 0.85 7.64 16.50
N GLU A 78 1.02 6.95 17.64
CA GLU A 78 0.45 7.41 18.92
C GLU A 78 1.02 8.78 19.31
N PHE A 79 2.32 8.96 19.12
CA PHE A 79 2.95 10.24 19.42
C PHE A 79 2.41 11.37 18.53
N LEU A 80 2.27 11.10 17.22
CA LEU A 80 1.73 12.09 16.30
C LEU A 80 0.30 12.48 16.67
N ASN A 81 -0.49 11.50 17.10
CA ASN A 81 -1.85 11.77 17.59
C ASN A 81 -1.82 12.76 18.76
N SER A 82 -0.83 12.61 19.64
CA SER A 82 -0.72 13.43 20.84
C SER A 82 -0.37 14.90 20.56
N ILE A 83 0.25 15.16 19.41
CA ILE A 83 0.67 16.53 19.04
C ILE A 83 0.03 17.07 17.75
N LYS A 84 -0.96 16.37 17.20
CA LYS A 84 -1.51 16.74 15.89
C LYS A 84 -2.09 18.16 15.81
N GLU A 85 -2.62 18.65 16.93
CA GLU A 85 -3.24 19.99 16.98
C GLU A 85 -2.21 21.12 16.87
N LYS A 86 -0.94 20.79 17.05
CA LYS A 86 0.15 21.76 16.98
C LYS A 86 0.68 22.00 15.56
N PHE A 87 0.28 21.14 14.62
CA PHE A 87 0.74 21.24 13.24
C PHE A 87 0.20 22.47 12.52
N SER A 88 1.04 23.08 11.69
CA SER A 88 0.66 24.26 10.91
C SER A 88 0.13 23.91 9.52
N CYS A 89 -0.06 22.62 9.27
CA CYS A 89 -0.66 22.13 8.04
C CYS A 89 -1.50 20.89 8.37
N PRO A 90 -2.34 20.43 7.43
CA PRO A 90 -3.11 19.21 7.71
C PRO A 90 -2.23 17.98 7.89
N VAL A 91 -2.63 17.10 8.80
CA VAL A 91 -2.03 15.78 8.96
C VAL A 91 -2.99 14.80 8.28
N LEU A 92 -2.54 14.18 7.20
CA LEU A 92 -3.41 13.36 6.35
C LEU A 92 -3.52 11.94 6.92
N PHE A 93 -4.31 11.81 7.97
CA PHE A 93 -4.42 10.55 8.70
C PHE A 93 -5.70 10.51 9.53
N ASP A 94 -6.25 9.30 9.68
CA ASP A 94 -7.42 9.07 10.53
C ASP A 94 -6.97 8.16 11.68
N PHE A 95 -6.75 8.75 12.85
CA PHE A 95 -6.20 8.01 13.97
C PHE A 95 -7.15 6.98 14.58
N GLU A 96 -8.44 7.29 14.62
CA GLU A 96 -9.45 6.33 15.09
C GLU A 96 -9.58 5.14 14.15
N ALA A 97 -9.60 5.40 12.84
CA ALA A 97 -9.69 4.34 11.85
C ALA A 97 -8.49 3.41 11.93
N TYR A 98 -7.30 3.99 12.14
CA TYR A 98 -6.08 3.22 12.27
C TYR A 98 -6.08 2.34 13.52
N ARG A 99 -6.62 2.86 14.62
CA ARG A 99 -6.68 2.08 15.86
C ARG A 99 -7.46 0.78 15.65
N ILE A 100 -8.51 0.85 14.83
CA ILE A 100 -9.30 -0.34 14.47
C ILE A 100 -8.55 -1.21 13.46
N SER A 101 -8.07 -0.61 12.38
CA SER A 101 -7.50 -1.37 11.27
C SER A 101 -6.19 -2.09 11.60
N ARG A 102 -5.40 -1.53 12.51
CA ARG A 102 -4.10 -2.11 12.85
C ARG A 102 -4.20 -3.44 13.60
N ASP A 103 -5.34 -3.69 14.25
CA ASP A 103 -5.58 -4.89 15.04
C ASP A 103 -6.60 -5.75 14.30
N LYS A 104 -6.17 -6.90 13.80
CA LYS A 104 -7.04 -7.73 12.94
C LYS A 104 -8.26 -8.28 13.66
N LYS A 105 -8.13 -8.55 14.96
CA LYS A 105 -9.25 -9.02 15.77
C LYS A 105 -10.29 -7.91 15.97
N LYS A 106 -9.80 -6.71 16.28
CA LYS A 106 -10.65 -5.53 16.41
C LYS A 106 -11.39 -5.24 15.09
N SER A 107 -10.66 -5.38 13.98
CA SER A 107 -11.24 -5.20 12.65
C SER A 107 -12.34 -6.22 12.35
N LYS A 108 -12.09 -7.48 12.70
CA LYS A 108 -13.08 -8.54 12.48
C LYS A 108 -14.34 -8.30 13.32
N ASP A 109 -14.18 -7.81 14.55
CA ASP A 109 -15.31 -7.39 15.38
C ASP A 109 -16.11 -6.30 14.68
N TYR A 110 -15.38 -5.33 14.09
CA TYR A 110 -16.01 -4.26 13.32
C TYR A 110 -16.79 -4.81 12.12
N PHE A 111 -16.17 -5.71 11.35
CA PHE A 111 -16.85 -6.33 10.20
C PHE A 111 -18.16 -6.97 10.62
N LYS A 112 -18.10 -7.76 11.70
CA LYS A 112 -19.26 -8.47 12.21
C LYS A 112 -20.35 -7.52 12.70
N SER A 113 -19.93 -6.39 13.27
CA SER A 113 -20.87 -5.39 13.80
C SER A 113 -21.74 -4.74 12.71
N ILE A 114 -21.22 -4.68 11.49
CA ILE A 114 -22.00 -4.13 10.37
C ILE A 114 -22.43 -5.18 9.33
N GLY A 115 -22.31 -6.45 9.70
CA GLY A 115 -22.84 -7.55 8.87
C GLY A 115 -22.03 -7.89 7.64
N VAL A 116 -20.72 -7.68 7.71
CA VAL A 116 -19.82 -7.97 6.59
C VAL A 116 -19.16 -9.34 6.81
N PRO A 117 -19.33 -10.28 5.87
CA PRO A 117 -18.73 -11.60 6.00
C PRO A 117 -17.20 -11.59 6.09
N THR A 118 -16.68 -12.42 6.98
CA THR A 118 -15.25 -12.51 7.27
C THR A 118 -14.95 -13.99 7.59
N PRO A 119 -13.69 -14.45 7.44
CA PRO A 119 -13.44 -15.88 7.65
C PRO A 119 -13.80 -16.37 9.06
N GLN A 120 -14.28 -17.61 9.14
CA GLN A 120 -14.61 -18.23 10.42
C GLN A 120 -13.37 -18.36 11.31
N ASP A 121 -13.54 -18.02 12.59
CA ASP A 121 -12.48 -18.19 13.58
C ASP A 121 -12.49 -19.62 14.12
N ARG A 122 -11.29 -20.12 14.45
CA ARG A 122 -11.09 -21.42 15.08
C ARG A 122 -11.91 -22.58 14.44
N PRO A 123 -11.60 -22.88 13.16
CA PRO A 123 -12.24 -24.03 12.50
C PRO A 123 -11.77 -25.35 13.10
N SER A 124 -12.57 -26.40 12.94
CA SER A 124 -12.23 -27.72 13.48
C SER A 124 -11.46 -28.59 12.50
N LYS A 125 -11.54 -28.25 11.21
CA LYS A 125 -10.94 -29.05 10.15
C LYS A 125 -9.85 -28.25 9.42
N PRO A 126 -8.68 -28.88 9.17
CA PRO A 126 -7.61 -28.23 8.40
C PRO A 126 -7.96 -28.12 6.91
N PRO A 127 -7.26 -27.24 6.16
CA PRO A 127 -6.15 -26.39 6.61
C PRO A 127 -6.61 -25.15 7.37
N TYR A 128 -5.74 -24.68 8.25
CA TYR A 128 -5.97 -23.44 8.99
C TYR A 128 -5.09 -22.36 8.38
N PHE A 129 -5.51 -21.11 8.50
CA PHE A 129 -4.61 -20.00 8.20
C PHE A 129 -4.35 -19.21 9.47
N VAL A 130 -3.07 -19.01 9.77
CA VAL A 130 -2.69 -18.27 10.97
C VAL A 130 -1.89 -17.02 10.62
N LYS A 131 -2.09 -15.98 11.42
CA LYS A 131 -1.36 -14.73 11.25
C LYS A 131 -1.37 -13.94 12.56
N PRO A 132 -0.34 -13.11 12.77
CA PRO A 132 -0.36 -12.28 13.98
C PRO A 132 -1.45 -11.21 13.88
N PRO A 133 -1.85 -10.62 15.02
CA PRO A 133 -2.94 -9.64 14.95
C PRO A 133 -2.56 -8.27 14.39
N CYS A 134 -1.29 -7.89 14.49
CA CYS A 134 -0.93 -6.48 14.25
C CYS A 134 0.23 -6.22 13.29
N GLU A 135 0.47 -7.17 12.40
CA GLU A 135 1.54 -7.02 11.39
C GLU A 135 0.99 -6.58 10.04
N SER A 136 1.86 -6.54 9.04
CA SER A 136 1.51 -6.21 7.66
C SER A 136 2.45 -6.99 6.74
N SER A 137 2.24 -6.87 5.43
CA SER A 137 3.11 -7.50 4.42
C SER A 137 3.18 -9.01 4.52
N SER A 138 2.15 -9.61 5.14
CA SER A 138 2.04 -11.06 5.34
C SER A 138 3.12 -11.63 6.27
N VAL A 139 3.74 -10.76 7.08
CA VAL A 139 4.70 -11.21 8.08
C VAL A 139 3.98 -12.12 9.07
N GLY A 140 4.49 -13.35 9.21
CA GLY A 140 3.91 -14.33 10.14
C GLY A 140 2.67 -15.03 9.64
N ALA A 141 2.24 -14.72 8.41
CA ALA A 141 1.08 -15.36 7.81
C ALA A 141 1.50 -16.69 7.18
N ARG A 142 0.78 -17.76 7.51
CA ARG A 142 1.12 -19.09 7.02
C ARG A 142 -0.07 -20.06 7.04
N ILE A 143 -0.03 -21.04 6.15
CA ILE A 143 -1.00 -22.13 6.14
C ILE A 143 -0.51 -23.23 7.08
N ILE A 144 -1.45 -23.83 7.83
CA ILE A 144 -1.13 -24.95 8.70
C ILE A 144 -2.03 -26.15 8.36
N TYR A 145 -1.41 -27.30 8.14
CA TYR A 145 -2.14 -28.53 7.86
C TYR A 145 -2.20 -29.43 9.10
N GLY A 152 2.54 -24.40 19.33
CA GLY A 152 2.79 -23.44 20.40
C GLY A 152 2.68 -21.99 19.94
N LEU A 153 1.61 -21.70 19.21
CA LEU A 153 1.31 -20.34 18.74
C LEU A 153 1.13 -19.36 19.90
N GLU A 154 1.43 -18.09 19.65
CA GLU A 154 1.11 -17.02 20.61
C GLU A 154 -0.39 -16.99 20.84
N PRO A 155 -0.83 -16.72 22.08
CA PRO A 155 -2.27 -16.73 22.41
C PRO A 155 -3.16 -15.76 21.61
N ASP A 156 -2.58 -14.68 21.10
CA ASP A 156 -3.35 -13.69 20.32
C ASP A 156 -3.25 -13.85 18.81
N THR A 157 -2.63 -14.94 18.36
CA THR A 157 -2.55 -15.28 16.95
C THR A 157 -3.96 -15.56 16.42
N LEU A 158 -4.26 -15.04 15.23
CA LEU A 158 -5.52 -15.36 14.57
C LEU A 158 -5.42 -16.74 13.96
N VAL A 159 -6.44 -17.55 14.18
CA VAL A 159 -6.56 -18.87 13.56
C VAL A 159 -7.89 -18.87 12.82
N GLU A 160 -7.82 -18.99 11.50
CA GLU A 160 -8.98 -18.88 10.63
C GLU A 160 -9.12 -20.07 9.73
N GLU A 161 -10.33 -20.27 9.22
CA GLU A 161 -10.53 -21.17 8.09
C GLU A 161 -9.72 -20.63 6.91
N TYR A 162 -9.13 -21.54 6.15
CA TYR A 162 -8.39 -21.17 4.96
C TYR A 162 -9.39 -20.94 3.83
N VAL A 163 -9.45 -19.70 3.34
CA VAL A 163 -10.37 -19.34 2.26
C VAL A 163 -9.60 -19.32 0.94
N GLU A 164 -9.90 -20.28 0.06
CA GLU A 164 -9.29 -20.36 -1.26
C GLU A 164 -9.94 -19.38 -2.21
N GLY A 165 -9.15 -18.78 -3.10
CA GLY A 165 -9.70 -17.86 -4.10
C GLY A 165 -8.83 -16.63 -4.33
N GLU A 166 -9.31 -15.72 -5.16
CA GLU A 166 -8.57 -14.50 -5.51
C GLU A 166 -8.56 -13.51 -4.35
N VAL A 167 -7.40 -12.90 -4.11
CA VAL A 167 -7.27 -11.81 -3.14
C VAL A 167 -7.45 -10.50 -3.89
N VAL A 168 -8.43 -9.70 -3.45
CA VAL A 168 -8.82 -8.49 -4.16
C VAL A 168 -8.79 -7.30 -3.20
N SER A 169 -8.32 -6.16 -3.69
CA SER A 169 -8.21 -4.95 -2.89
C SER A 169 -8.99 -3.79 -3.49
N LEU A 170 -9.62 -3.00 -2.61
CA LEU A 170 -10.22 -1.72 -2.98
C LEU A 170 -9.72 -0.63 -2.05
N GLU A 171 -9.56 0.57 -2.59
CA GLU A 171 -9.12 1.72 -1.81
C GLU A 171 -10.30 2.67 -1.66
N VAL A 172 -10.41 3.29 -0.49
CA VAL A 172 -11.45 4.28 -0.23
C VAL A 172 -10.83 5.53 0.36
N VAL A 173 -11.20 6.70 -0.18
CA VAL A 173 -10.82 7.97 0.44
C VAL A 173 -12.09 8.66 0.93
N GLY A 174 -12.13 8.97 2.23
CA GLY A 174 -13.26 9.67 2.81
C GLY A 174 -12.88 11.06 3.31
N ASP A 175 -13.84 11.97 3.31
CA ASP A 175 -13.64 13.30 3.88
C ASP A 175 -14.45 13.50 5.15
N GLY A 176 -14.97 12.39 5.69
CA GLY A 176 -15.86 12.42 6.86
C GLY A 176 -17.33 12.33 6.48
N SER A 177 -17.67 12.78 5.28
CA SER A 177 -19.06 12.85 4.80
C SER A 177 -19.30 12.06 3.51
N HIS A 178 -18.33 12.11 2.61
CA HIS A 178 -18.39 11.42 1.32
C HIS A 178 -17.26 10.45 1.24
N PHE A 179 -17.51 9.32 0.60
CA PHE A 179 -16.55 8.21 0.58
C PHE A 179 -16.35 7.72 -0.85
N ALA A 180 -15.18 8.03 -1.40
CA ALA A 180 -14.84 7.72 -2.77
C ALA A 180 -14.18 6.35 -2.85
N VAL A 181 -14.95 5.39 -3.34
CA VAL A 181 -14.46 4.03 -3.56
C VAL A 181 -13.84 4.01 -4.96
N VAL A 182 -12.59 3.56 -5.05
CA VAL A 182 -11.81 3.80 -6.25
C VAL A 182 -11.76 2.61 -7.22
N LYS A 183 -10.68 1.84 -7.21
CA LYS A 183 -10.47 0.83 -8.26
C LYS A 183 -10.07 -0.54 -7.74
N GLU A 184 -10.79 -1.57 -8.17
CA GLU A 184 -10.51 -2.95 -7.79
C GLU A 184 -9.18 -3.42 -8.35
N THR A 185 -8.38 -4.08 -7.51
CA THR A 185 -7.11 -4.64 -7.95
C THR A 185 -6.97 -6.09 -7.48
N LEU A 186 -6.27 -6.88 -8.29
CA LEU A 186 -5.95 -8.27 -7.96
C LEU A 186 -4.57 -8.36 -7.33
N VAL A 187 -4.50 -9.00 -6.17
CA VAL A 187 -3.27 -9.15 -5.43
C VAL A 187 -2.69 -10.54 -5.72
N HIS A 188 -1.57 -10.57 -6.46
CA HIS A 188 -0.93 -11.83 -6.82
C HIS A 188 0.06 -12.22 -5.77
N ILE A 189 -0.13 -13.41 -5.22
CA ILE A 189 0.59 -13.88 -4.04
C ILE A 189 1.66 -14.91 -4.37
N ASP A 190 2.75 -14.92 -3.61
CA ASP A 190 3.76 -15.97 -3.73
C ASP A 190 3.64 -17.02 -2.62
N GLU A 191 4.62 -17.91 -2.53
CA GLU A 191 4.58 -19.03 -1.58
C GLU A 191 4.60 -18.59 -0.11
N THR A 192 4.95 -17.33 0.13
CA THR A 192 4.97 -16.78 1.49
C THR A 192 3.70 -15.95 1.77
N TYR A 193 2.77 -15.94 0.82
CA TYR A 193 1.54 -15.13 0.92
C TYR A 193 1.79 -13.62 0.83
N ASP A 194 2.99 -13.26 0.38
CA ASP A 194 3.36 -11.88 0.12
C ASP A 194 2.94 -11.55 -1.31
N CYS A 195 2.86 -10.25 -1.63
CA CYS A 195 2.41 -9.81 -2.94
C CYS A 195 3.56 -9.46 -3.86
N HIS A 196 3.64 -10.17 -5.00
CA HIS A 196 4.69 -9.94 -6.01
C HIS A 196 4.19 -9.23 -7.26
N MET A 197 2.88 -9.14 -7.44
CA MET A 197 2.29 -8.55 -8.65
C MET A 197 0.89 -8.02 -8.34
N VAL A 198 0.53 -6.91 -9.00
CA VAL A 198 -0.82 -6.34 -8.90
C VAL A 198 -1.31 -6.02 -10.31
N THR A 199 -2.57 -6.35 -10.59
CA THR A 199 -3.24 -6.01 -11.85
C THR A 199 -4.64 -5.46 -11.54
N PRO A 200 -5.24 -4.71 -12.49
CA PRO A 200 -6.57 -4.16 -12.22
C PRO A 200 -7.70 -5.14 -12.54
N LEU A 201 -8.84 -4.93 -11.90
CA LEU A 201 -10.02 -5.77 -12.09
C LEU A 201 -11.23 -4.91 -12.47
N PRO A 202 -12.22 -5.53 -13.15
CA PRO A 202 -13.48 -4.83 -13.44
C PRO A 202 -14.27 -4.52 -12.17
N ALA A 203 -15.24 -3.63 -12.29
CA ALA A 203 -16.06 -3.23 -11.14
C ALA A 203 -16.78 -4.42 -10.50
N ASN A 204 -16.79 -4.44 -9.17
CA ASN A 204 -17.55 -5.42 -8.41
C ASN A 204 -18.51 -4.68 -7.48
N PRO A 205 -19.78 -4.53 -7.90
CA PRO A 205 -20.75 -3.73 -7.13
C PRO A 205 -20.84 -4.12 -5.65
N LEU A 206 -20.83 -5.42 -5.35
CA LEU A 206 -20.91 -5.88 -3.96
C LEU A 206 -19.70 -5.43 -3.14
N PHE A 207 -18.51 -5.66 -3.66
CA PHE A 207 -17.28 -5.25 -2.96
C PHE A 207 -17.23 -3.72 -2.80
N ARG A 208 -17.71 -2.98 -3.78
CA ARG A 208 -17.76 -1.53 -3.70
C ARG A 208 -18.70 -1.05 -2.59
N GLN A 209 -19.86 -1.71 -2.47
CA GLN A 209 -20.82 -1.36 -1.44
C GLN A 209 -20.29 -1.67 -0.03
N ILE A 210 -19.71 -2.87 0.12
CA ILE A 210 -19.08 -3.27 1.37
C ILE A 210 -17.98 -2.28 1.78
N SER A 211 -17.12 -1.92 0.82
CA SER A 211 -16.02 -1.00 1.08
C SER A 211 -16.53 0.39 1.46
N HIS A 212 -17.58 0.83 0.77
CA HIS A 212 -18.23 2.10 1.10
C HIS A 212 -18.74 2.09 2.52
N ASP A 213 -19.41 1.02 2.90
CA ASP A 213 -20.02 0.89 4.23
C ASP A 213 -18.98 0.79 5.34
N LEU A 214 -17.88 0.09 5.08
CA LEU A 214 -16.77 0.03 6.03
C LEU A 214 -16.19 1.40 6.32
N ALA A 215 -16.09 2.23 5.28
CA ALA A 215 -15.62 3.60 5.43
C ALA A 215 -16.67 4.50 6.10
N ALA A 216 -17.92 4.38 5.66
CA ALA A 216 -19.00 5.27 6.07
C ALA A 216 -19.37 5.18 7.55
N ASN A 217 -19.23 3.98 8.12
CA ASN A 217 -19.64 3.74 9.50
C ASN A 217 -18.65 4.22 10.56
N LEU A 218 -17.49 4.70 10.13
CA LEU A 218 -16.47 5.17 11.07
C LEU A 218 -16.77 6.56 11.69
N PRO A 219 -16.93 7.62 10.86
CA PRO A 219 -16.72 7.71 9.41
C PRO A 219 -15.26 8.06 9.08
N LEU A 220 -14.82 7.61 7.91
CA LEU A 220 -13.44 7.80 7.49
C LEU A 220 -13.19 9.22 6.97
N LYS A 221 -12.18 9.86 7.55
CA LYS A 221 -11.59 11.06 6.96
C LYS A 221 -10.12 10.74 6.78
N GLY A 222 -9.78 10.29 5.56
CA GLY A 222 -8.45 9.74 5.28
C GLY A 222 -8.54 8.68 4.22
N ILE A 223 -7.56 7.78 4.19
CA ILE A 223 -7.50 6.70 3.20
C ILE A 223 -7.46 5.34 3.89
N MET A 224 -8.13 4.36 3.28
CA MET A 224 -8.17 3.02 3.82
C MET A 224 -8.25 2.06 2.64
N ASP A 225 -7.57 0.94 2.74
CA ASP A 225 -7.90 -0.11 1.80
C ASP A 225 -8.56 -1.30 2.47
N VAL A 226 -9.27 -2.07 1.64
CA VAL A 226 -10.04 -3.22 2.07
C VAL A 226 -9.55 -4.41 1.26
N GLU A 227 -9.25 -5.50 1.95
CA GLU A 227 -8.82 -6.74 1.29
C GLU A 227 -9.82 -7.85 1.54
N ALA A 228 -10.18 -8.55 0.47
CA ALA A 228 -11.13 -9.66 0.56
C ALA A 228 -10.65 -10.85 -0.26
N ILE A 229 -11.13 -12.03 0.10
CA ILE A 229 -10.91 -13.22 -0.72
C ILE A 229 -12.23 -13.59 -1.35
N PHE A 230 -12.24 -13.74 -2.68
CA PHE A 230 -13.42 -14.18 -3.41
C PHE A 230 -13.45 -15.71 -3.34
N GLY A 231 -13.99 -16.21 -2.23
CA GLY A 231 -13.95 -17.63 -1.91
C GLY A 231 -15.05 -18.45 -2.55
N PRO A 232 -15.03 -19.78 -2.31
CA PRO A 232 -16.00 -20.68 -2.94
C PRO A 232 -17.44 -20.43 -2.50
N LYS A 233 -17.63 -19.82 -1.34
CA LYS A 233 -18.96 -19.53 -0.81
C LYS A 233 -19.21 -18.02 -0.71
N GLY A 234 -18.47 -17.27 -1.52
CA GLY A 234 -18.64 -15.82 -1.59
C GLY A 234 -17.46 -15.04 -1.03
N LEU A 235 -17.61 -13.72 -1.10
CA LEU A 235 -16.59 -12.77 -0.65
C LEU A 235 -16.45 -12.77 0.87
N ARG A 236 -15.21 -12.83 1.35
CA ARG A 236 -14.91 -12.74 2.78
C ARG A 236 -13.85 -11.66 2.96
N VAL A 237 -14.18 -10.62 3.73
CA VAL A 237 -13.22 -9.54 4.00
C VAL A 237 -12.22 -10.04 5.04
N ILE A 238 -10.93 -9.98 4.70
CA ILE A 238 -9.89 -10.46 5.61
C ILE A 238 -9.28 -9.36 6.50
N GLU A 239 -9.02 -8.19 5.93
CA GLU A 239 -8.49 -7.06 6.71
C GLU A 239 -8.83 -5.71 6.08
N ILE A 240 -8.66 -4.66 6.86
CA ILE A 240 -8.65 -3.29 6.37
C ILE A 240 -7.35 -2.68 6.87
N ASP A 241 -6.83 -1.69 6.14
CA ASP A 241 -5.67 -0.96 6.61
C ASP A 241 -5.88 0.53 6.35
N ALA A 242 -6.09 1.30 7.42
CA ALA A 242 -6.34 2.74 7.32
C ALA A 242 -5.02 3.49 7.36
N ARG A 243 -4.28 3.37 6.26
CA ARG A 243 -3.04 4.08 6.05
C ARG A 243 -2.76 4.05 4.55
N PHE A 244 -1.80 4.85 4.10
CA PHE A 244 -1.51 4.89 2.67
C PHE A 244 -0.89 3.58 2.20
N PRO A 245 -1.52 2.92 1.21
CA PRO A 245 -1.02 1.62 0.81
C PRO A 245 0.13 1.68 -0.18
N SER A 246 0.87 0.57 -0.27
CA SER A 246 1.89 0.38 -1.29
C SER A 246 1.33 -0.48 -2.43
N GLN A 247 1.99 -0.40 -3.59
CA GLN A 247 1.71 -1.25 -4.76
C GLN A 247 0.41 -0.89 -5.51
N THR A 248 -0.73 -1.05 -4.86
CA THR A 248 -2.01 -0.83 -5.52
C THR A 248 -2.23 0.60 -6.05
N PRO A 249 -1.76 1.65 -5.33
CA PRO A 249 -2.01 2.99 -5.86
C PRO A 249 -1.38 3.26 -7.23
N THR A 250 -0.27 2.60 -7.55
CA THR A 250 0.34 2.73 -8.87
C THR A 250 -0.58 2.13 -9.94
N VAL A 251 -1.11 0.94 -9.67
CA VAL A 251 -2.04 0.29 -10.58
C VAL A 251 -3.34 1.11 -10.73
N VAL A 252 -3.83 1.65 -9.62
CA VAL A 252 -4.99 2.54 -9.64
C VAL A 252 -4.74 3.75 -10.54
N TYR A 253 -3.55 4.33 -10.41
CA TYR A 253 -3.18 5.51 -11.20
C TYR A 253 -3.27 5.25 -12.70
N TYR A 254 -2.62 4.19 -13.18
CA TYR A 254 -2.58 3.93 -14.62
C TYR A 254 -3.89 3.36 -15.17
N SER A 255 -4.56 2.53 -14.37
CA SER A 255 -5.77 1.86 -14.82
C SER A 255 -7.01 2.75 -14.79
N SER A 256 -7.07 3.66 -13.82
CA SER A 256 -8.26 4.47 -13.60
C SER A 256 -8.04 5.98 -13.81
N GLY A 257 -6.78 6.39 -13.78
CA GLY A 257 -6.43 7.80 -13.92
C GLY A 257 -6.51 8.59 -12.63
N ILE A 258 -6.89 7.94 -11.54
CA ILE A 258 -7.03 8.60 -10.24
C ILE A 258 -5.72 8.50 -9.46
N ASN A 259 -5.24 9.65 -9.00
CA ASN A 259 -4.05 9.74 -8.15
C ASN A 259 -4.49 9.81 -6.69
N LEU A 260 -4.23 8.75 -5.94
CA LEU A 260 -4.70 8.65 -4.56
C LEU A 260 -4.08 9.67 -3.58
N ILE A 261 -2.89 10.16 -3.89
CA ILE A 261 -2.29 11.26 -3.11
C ILE A 261 -3.09 12.55 -3.30
N GLU A 262 -3.43 12.85 -4.55
CA GLU A 262 -4.26 14.02 -4.86
C GLU A 262 -5.64 13.92 -4.21
N LEU A 263 -6.23 12.72 -4.28
CA LEU A 263 -7.54 12.49 -3.69
C LEU A 263 -7.51 12.63 -2.16
N LEU A 264 -6.47 12.08 -1.53
CA LEU A 264 -6.31 12.20 -0.09
C LEU A 264 -6.10 13.66 0.34
N PHE A 265 -5.29 14.40 -0.41
CA PHE A 265 -5.08 15.83 -0.14
C PHE A 265 -6.39 16.60 -0.25
N ARG A 266 -7.17 16.29 -1.29
CA ARG A 266 -8.48 16.93 -1.51
C ARG A 266 -9.43 16.67 -0.33
N ALA A 267 -9.37 15.47 0.23
CA ALA A 267 -10.24 15.09 1.35
C ALA A 267 -10.06 15.99 2.58
N PHE A 268 -8.84 16.48 2.78
CA PHE A 268 -8.52 17.33 3.93
C PHE A 268 -8.56 18.83 3.62
N THR A 269 -8.89 19.19 2.39
CA THR A 269 -8.94 20.60 1.98
C THR A 269 -10.32 21.00 1.45
N ASP A 270 -10.70 20.48 0.29
CA ASP A 270 -11.96 20.84 -0.37
C ASP A 270 -13.07 19.82 -0.15
N GLY A 271 -12.67 18.57 0.10
CA GLY A 271 -13.61 17.48 0.19
C GLY A 271 -13.59 16.59 -1.03
N VAL A 272 -14.31 15.49 -0.94
CA VAL A 272 -14.29 14.43 -1.93
C VAL A 272 -15.73 14.20 -2.45
N GLU A 273 -15.83 13.68 -3.67
CA GLU A 273 -17.12 13.28 -4.23
C GLU A 273 -17.12 11.78 -4.44
N GLU A 274 -18.29 11.17 -4.35
CA GLU A 274 -18.40 9.72 -4.52
C GLU A 274 -18.18 9.30 -5.98
N ILE A 275 -17.76 8.04 -6.14
CA ILE A 275 -17.27 7.43 -7.41
C ILE A 275 -15.98 8.04 -7.97
N GLU A 280 -10.81 6.60 -16.66
CA GLU A 280 -10.00 5.69 -17.47
C GLU A 280 -10.36 4.24 -17.22
N ASN A 281 -10.27 3.43 -18.27
CA ASN A 281 -10.41 1.98 -18.17
C ASN A 281 -9.27 1.33 -18.93
N LYS A 282 -8.08 1.43 -18.32
CA LYS A 282 -6.81 1.12 -18.96
C LYS A 282 -6.19 -0.08 -18.22
N TYR A 283 -5.22 -0.75 -18.83
CA TYR A 283 -4.60 -1.90 -18.16
C TYR A 283 -3.20 -1.57 -17.64
N CYS A 284 -2.81 -2.27 -16.58
CA CYS A 284 -1.52 -2.06 -15.93
C CYS A 284 -1.02 -3.34 -15.29
N ILE A 285 0.27 -3.60 -15.41
CA ILE A 285 0.93 -4.70 -14.71
C ILE A 285 2.04 -4.12 -13.84
N TYR A 286 1.99 -4.45 -12.55
CA TYR A 286 2.96 -3.97 -11.57
C TYR A 286 3.55 -5.21 -10.91
N GLU A 287 4.88 -5.34 -10.90
CA GLU A 287 5.49 -6.53 -10.31
C GLU A 287 6.89 -6.31 -9.77
N HIS A 288 7.33 -7.20 -8.87
CA HIS A 288 8.68 -7.21 -8.34
C HIS A 288 9.42 -8.45 -8.78
N LEU A 289 10.63 -8.25 -9.31
CA LEU A 289 11.49 -9.34 -9.72
C LEU A 289 12.91 -9.14 -9.17
N MET A 290 13.39 -10.11 -8.41
CA MET A 290 14.75 -10.11 -7.87
C MET A 290 15.72 -10.59 -8.95
N PHE A 291 16.84 -9.89 -9.08
CA PHE A 291 17.92 -10.27 -9.97
C PHE A 291 18.81 -11.21 -9.17
N GLY A 292 18.58 -12.51 -9.34
CA GLY A 292 19.31 -13.53 -8.59
C GLY A 292 20.68 -13.85 -9.18
N GLU A 293 21.31 -14.90 -8.65
CA GLU A 293 22.63 -15.33 -9.13
C GLU A 293 22.62 -15.56 -10.63
N ASN A 294 23.59 -14.96 -11.31
CA ASN A 294 23.75 -15.07 -12.77
C ASN A 294 22.61 -14.43 -13.59
N GLY A 295 21.82 -13.57 -12.95
CA GLY A 295 20.75 -12.86 -13.63
C GLY A 295 19.41 -13.57 -13.69
N VAL A 296 19.27 -14.68 -12.97
CA VAL A 296 17.99 -15.39 -12.89
C VAL A 296 16.93 -14.49 -12.23
N LEU A 297 15.84 -14.21 -12.94
CA LEU A 297 14.79 -13.34 -12.41
C LEU A 297 13.78 -14.14 -11.61
N ILE A 298 13.53 -13.70 -10.38
CA ILE A 298 12.72 -14.44 -9.41
C ILE A 298 11.65 -13.51 -8.81
N PRO A 299 10.37 -13.93 -8.85
CA PRO A 299 9.33 -13.10 -8.24
C PRO A 299 9.51 -13.03 -6.72
N VAL A 300 9.41 -11.82 -6.18
CA VAL A 300 9.50 -11.62 -4.73
C VAL A 300 8.45 -10.64 -4.25
N GLY A 301 8.14 -10.70 -2.97
CA GLY A 301 7.19 -9.79 -2.36
C GLY A 301 7.85 -8.66 -1.60
N GLU A 302 7.02 -7.92 -0.87
CA GLU A 302 7.45 -6.73 -0.14
C GLU A 302 8.46 -6.99 0.98
N GLN A 303 8.40 -8.18 1.58
CA GLN A 303 9.34 -8.52 2.64
C GLN A 303 10.78 -8.51 2.14
N VAL A 304 10.96 -8.78 0.85
CA VAL A 304 12.30 -8.74 0.24
C VAL A 304 12.73 -7.31 -0.07
N LEU A 305 11.82 -6.53 -0.65
CA LEU A 305 12.06 -5.10 -0.93
C LEU A 305 12.40 -4.34 0.36
N SER A 306 11.79 -4.75 1.47
CA SER A 306 12.00 -4.10 2.77
C SER A 306 13.43 -4.26 3.32
N MET A 307 14.20 -5.19 2.73
CA MET A 307 15.59 -5.41 3.12
C MET A 307 16.57 -4.59 2.28
N GLY A 308 16.05 -3.80 1.34
CA GLY A 308 16.87 -3.04 0.40
C GLY A 308 17.65 -1.90 1.03
N SER A 309 18.60 -1.36 0.28
CA SER A 309 19.47 -0.30 0.78
C SER A 309 19.26 1.06 0.12
N ASP A 310 18.69 1.05 -1.08
CA ASP A 310 18.54 2.25 -1.91
C ASP A 310 17.49 1.94 -2.99
N TYR A 311 16.48 2.80 -3.10
CA TYR A 311 15.35 2.56 -4.01
C TYR A 311 15.06 3.82 -4.80
N GLY A 312 15.06 3.70 -6.13
CA GLY A 312 14.82 4.84 -7.01
C GLY A 312 14.58 4.41 -8.45
N LYS A 313 14.38 5.38 -9.33
CA LYS A 313 14.11 5.08 -10.74
C LYS A 313 15.34 4.54 -11.45
N PHE A 314 15.11 3.52 -12.28
CA PHE A 314 16.15 2.87 -13.03
C PHE A 314 16.02 3.15 -14.54
N TYR A 315 14.78 3.13 -15.03
CA TYR A 315 14.51 3.27 -16.46
C TYR A 315 13.08 3.71 -16.73
N GLU A 316 12.89 4.47 -17.80
CA GLU A 316 11.55 4.83 -18.27
C GLU A 316 11.52 4.99 -19.79
N GLU A 317 10.47 4.45 -20.40
CA GLU A 317 10.09 4.76 -21.78
C GLU A 317 8.56 4.78 -21.81
N PRO A 318 7.94 5.13 -22.97
CA PRO A 318 6.47 5.13 -22.98
C PRO A 318 5.89 3.78 -22.54
N GLY A 319 5.01 3.81 -21.55
CA GLY A 319 4.36 2.59 -21.04
C GLY A 319 5.21 1.69 -20.14
N ILE A 320 6.41 2.13 -19.79
CA ILE A 320 7.34 1.34 -18.96
C ILE A 320 8.05 2.22 -17.94
N GLU A 321 7.92 1.86 -16.66
CA GLU A 321 8.77 2.41 -15.62
C GLU A 321 9.42 1.26 -14.85
N ILE A 322 10.71 1.40 -14.59
CA ILE A 322 11.45 0.41 -13.81
C ILE A 322 12.16 1.11 -12.66
N PHE A 323 12.00 0.55 -11.46
CA PHE A 323 12.69 1.05 -10.27
C PHE A 323 13.61 -0.04 -9.76
N LEU A 324 14.76 0.37 -9.22
CA LEU A 324 15.73 -0.57 -8.69
C LEU A 324 15.88 -0.39 -7.19
N CYS A 325 15.67 -1.49 -6.47
CA CYS A 325 15.90 -1.56 -5.04
C CYS A 325 17.23 -2.30 -4.86
N LYS A 326 18.28 -1.54 -4.56
CA LYS A 326 19.64 -2.09 -4.42
C LYS A 326 19.80 -2.83 -3.09
N GLY A 327 20.81 -3.69 -3.02
CA GLY A 327 21.10 -4.44 -1.81
C GLY A 327 21.67 -5.81 -2.10
N GLU A 328 21.67 -6.69 -1.09
CA GLU A 328 22.06 -8.08 -1.29
C GLU A 328 21.11 -8.68 -2.33
N TYR A 329 21.59 -8.71 -3.57
CA TYR A 329 20.78 -8.99 -4.77
C TYR A 329 19.66 -8.00 -5.05
N PRO A 330 19.76 -7.27 -6.17
CA PRO A 330 18.78 -6.20 -6.41
C PRO A 330 17.35 -6.70 -6.70
N VAL A 331 16.37 -5.83 -6.43
CA VAL A 331 14.98 -6.09 -6.85
C VAL A 331 14.53 -5.00 -7.81
N PHE A 332 13.97 -5.42 -8.94
CA PHE A 332 13.36 -4.51 -9.89
C PHE A 332 11.85 -4.46 -9.68
N THR A 333 11.32 -3.25 -9.54
CA THR A 333 9.88 -3.04 -9.56
C THR A 333 9.52 -2.51 -10.94
N MET A 334 8.72 -3.30 -11.66
CA MET A 334 8.35 -2.99 -13.04
C MET A 334 6.91 -2.51 -13.10
N VAL A 335 6.68 -1.41 -13.82
CA VAL A 335 5.33 -0.89 -14.04
C VAL A 335 5.09 -0.77 -15.54
N PHE A 336 4.06 -1.46 -16.03
CA PHE A 336 3.72 -1.47 -17.45
C PHE A 336 2.28 -1.04 -17.64
N TRP A 337 2.00 -0.25 -18.66
CA TRP A 337 0.62 0.13 -18.94
C TRP A 337 0.35 0.33 -20.41
N GLY A 338 -0.93 0.27 -20.76
CA GLY A 338 -1.37 0.37 -22.15
C GLY A 338 -2.90 0.36 -22.23
N LYS A 339 -3.42 0.51 -23.43
CA LYS A 339 -4.88 0.60 -23.65
C LYS A 339 -5.64 -0.66 -23.22
N ASP A 340 -4.98 -1.81 -23.35
CA ASP A 340 -5.57 -3.11 -23.00
C ASP A 340 -4.49 -4.11 -22.57
N ARG A 341 -4.91 -5.34 -22.28
CA ARG A 341 -4.00 -6.41 -21.85
C ARG A 341 -2.93 -6.72 -22.89
N GLU A 342 -3.31 -6.73 -24.17
CA GLU A 342 -2.39 -7.00 -25.27
C GLU A 342 -1.23 -6.02 -25.29
N GLU A 343 -1.55 -4.72 -25.33
CA GLU A 343 -0.52 -3.68 -25.40
C GLU A 343 0.36 -3.69 -24.15
N THR A 344 -0.27 -3.86 -22.99
CA THR A 344 0.46 -3.89 -21.72
C THR A 344 1.42 -5.08 -21.66
N GLY A 345 0.97 -6.22 -22.16
CA GLY A 345 1.80 -7.42 -22.26
C GLY A 345 3.01 -7.20 -23.17
N ALA A 346 2.80 -6.48 -24.26
CA ALA A 346 3.87 -6.10 -25.18
C ALA A 346 4.89 -5.17 -24.52
N LYS A 347 4.41 -4.24 -23.69
CA LYS A 347 5.29 -3.37 -22.92
C LYS A 347 6.09 -4.17 -21.89
N ARG A 348 5.43 -5.14 -21.25
CA ARG A 348 6.10 -6.02 -20.31
C ARG A 348 7.24 -6.77 -21.01
N CYS A 349 6.96 -7.27 -22.20
CA CYS A 349 7.97 -7.95 -23.03
C CYS A 349 9.15 -7.05 -23.35
N LYS A 350 8.86 -5.80 -23.74
CA LYS A 350 9.90 -4.80 -24.01
C LYS A 350 10.73 -4.48 -22.77
N GLY A 351 10.05 -4.27 -21.64
CA GLY A 351 10.71 -3.99 -20.36
C GLY A 351 11.65 -5.10 -19.94
N LEU A 352 11.18 -6.35 -20.06
CA LEU A 352 11.99 -7.51 -19.74
C LEU A 352 13.16 -7.65 -20.71
N SER A 353 12.94 -7.32 -21.98
CA SER A 353 13.99 -7.41 -23.00
C SER A 353 15.15 -6.44 -22.72
N VAL A 354 14.81 -5.27 -22.16
CA VAL A 354 15.83 -4.29 -21.74
C VAL A 354 16.72 -4.93 -20.67
N LEU A 355 16.10 -5.56 -19.67
CA LEU A 355 16.82 -6.27 -18.62
C LEU A 355 17.64 -7.44 -19.16
N LYS A 356 17.06 -8.17 -20.12
CA LYS A 356 17.71 -9.32 -20.74
C LYS A 356 18.95 -8.91 -21.53
N GLU A 357 18.75 -8.05 -22.52
CA GLU A 357 19.80 -7.68 -23.47
C GLU A 357 20.90 -6.83 -22.83
N ARG A 358 20.50 -5.84 -22.03
CA ARG A 358 21.43 -4.84 -21.52
C ARG A 358 22.00 -5.16 -20.14
N PHE A 359 21.34 -6.04 -19.40
CA PHE A 359 21.77 -6.35 -18.03
C PHE A 359 21.91 -7.84 -17.69
N GLY A 360 21.78 -8.70 -18.71
CA GLY A 360 22.03 -10.12 -18.58
C GLY A 360 21.03 -10.91 -17.74
N ALA A 361 19.80 -10.42 -17.67
CA ALA A 361 18.73 -11.11 -16.95
C ALA A 361 18.20 -12.30 -17.75
N VAL A 362 17.72 -13.33 -17.04
CA VAL A 362 17.08 -14.48 -17.67
C VAL A 362 15.65 -14.70 -17.18
N LEU A 363 14.72 -14.61 -18.13
CA LEU A 363 13.30 -14.88 -17.92
C LEU A 363 12.68 -15.12 -19.30
#